data_7HC2
#
_entry.id   7HC2
#
_cell.length_a   66.300
_cell.length_b   89.350
_cell.length_c   99.970
_cell.angle_alpha   90.000
_cell.angle_beta   90.000
_cell.angle_gamma   90.000
#
_symmetry.space_group_name_H-M   'I 2 2 2'
#
loop_
_entity.id
_entity.type
_entity.pdbx_description
1 polymer 'Heat shock protein HSP 90-alpha'
2 non-polymer N-(pyridin-4-yl)cyclopropanecarboxamide
3 water water
#
_entity_poly.entity_id   1
_entity_poly.type   'polypeptide(L)'
_entity_poly.pdbx_seq_one_letter_code
;MDQPMEEEEVETFAFQAEIAQLMSLIINTFYSNKEIFLRELISNSSDALDKIRYESLTDPSKLDSGKELHINLIPNKQDR
TLTIVDTGIGMTKADLINNLGTIAKSGTKAFMEALQAGADISMIGQFGVGFYSAYLVAEKVTVITKHNDDEQYAWESSAG
GSFTVRTDTGEPMGRGTKVILHLKEDQTEYLEERRIKEIVKKHSQFIGYPITLFVEKERDKEVSDDEAELEHHHHHH
;
_entity_poly.pdbx_strand_id   A
#
loop_
_chem_comp.id
_chem_comp.type
_chem_comp.name
_chem_comp.formula
A1AW4 non-polymer N-(pyridin-4-yl)cyclopropanecarboxamide 'C9 H10 N2 O'
#
# COMPACT_ATOMS: atom_id res chain seq x y z
N GLU A 9 17.27 6.20 -14.98
CA GLU A 9 17.73 7.12 -13.94
C GLU A 9 16.99 6.82 -12.65
N VAL A 10 17.72 6.27 -11.68
CA VAL A 10 17.15 5.77 -10.44
C VAL A 10 17.71 6.60 -9.31
N GLU A 11 16.86 7.17 -8.47
CA GLU A 11 17.33 7.92 -7.32
C GLU A 11 17.18 7.05 -6.07
N THR A 12 18.22 7.02 -5.22
CA THR A 12 18.17 6.23 -4.00
C THR A 12 18.17 7.16 -2.81
N PHE A 13 17.24 6.94 -1.88
CA PHE A 13 17.00 7.79 -0.72
C PHE A 13 17.11 7.00 0.55
N ALA A 14 17.59 7.63 1.64
CA ALA A 14 17.54 7.01 2.96
C ALA A 14 16.17 7.27 3.58
N PHE A 15 15.58 6.24 4.19
CA PHE A 15 14.43 6.49 5.08
C PHE A 15 14.86 7.37 6.24
N GLN A 16 13.94 8.24 6.65
CA GLN A 16 14.16 8.87 7.96
C GLN A 16 14.33 7.81 9.05
N ALA A 17 15.15 8.14 10.04
CA ALA A 17 15.50 7.17 11.06
C ALA A 17 14.29 6.54 11.73
N GLU A 18 13.28 7.35 12.03
CA GLU A 18 12.12 6.86 12.77
C GLU A 18 11.35 5.83 11.95
N ILE A 19 11.26 6.05 10.63
CA ILE A 19 10.56 5.12 9.73
C ILE A 19 11.34 3.84 9.57
N ALA A 20 12.67 3.95 9.43
CA ALA A 20 13.51 2.79 9.33
C ALA A 20 13.34 1.93 10.59
N GLN A 21 13.24 2.59 11.75
CA GLN A 21 13.09 1.84 12.99
C GLN A 21 11.76 1.12 13.03
N LEU A 22 10.67 1.77 12.61
CA LEU A 22 9.38 1.05 12.56
C LEU A 22 9.44 -0.13 11.61
N MET A 23 10.06 0.04 10.43
CA MET A 23 10.17 -1.05 9.50
C MET A 23 10.94 -2.22 10.10
N SER A 24 12.03 -1.94 10.82
CA SER A 24 12.82 -3.01 11.43
C SER A 24 11.99 -3.73 12.50
N LEU A 25 11.14 -3.00 13.24
CA LEU A 25 10.27 -3.68 14.21
C LEU A 25 9.25 -4.57 13.51
N ILE A 26 8.68 -4.09 12.41
CA ILE A 26 7.71 -4.90 11.67
C ILE A 26 8.37 -6.17 11.14
N ILE A 27 9.59 -6.05 10.67
CA ILE A 27 10.22 -7.18 10.02
C ILE A 27 10.72 -8.20 11.05
N ASN A 28 11.23 -7.74 12.19
CA ASN A 28 11.93 -8.59 13.15
C ASN A 28 11.10 -9.05 14.32
N THR A 29 9.99 -8.38 14.65
CA THR A 29 9.23 -8.82 15.82
C THR A 29 8.44 -10.09 15.50
N PHE A 30 8.50 -11.07 16.43
CA PHE A 30 7.66 -12.26 16.27
C PHE A 30 6.19 -11.89 16.47
N TYR A 31 5.37 -12.17 15.46
CA TYR A 31 3.99 -11.66 15.46
C TYR A 31 3.20 -12.45 14.45
N SER A 32 2.34 -13.37 14.92
CA SER A 32 1.75 -14.32 13.97
C SER A 32 0.61 -13.75 13.17
N ASN A 33 0.01 -12.65 13.59
CA ASN A 33 -1.20 -12.12 12.94
C ASN A 33 -0.85 -11.29 11.70
N LYS A 34 -0.18 -11.93 10.73
CA LYS A 34 0.34 -11.17 9.60
C LYS A 34 -0.75 -10.78 8.61
N GLU A 35 -1.94 -11.38 8.69
CA GLU A 35 -2.92 -11.19 7.63
C GLU A 35 -3.48 -9.78 7.58
N ILE A 36 -3.28 -8.98 8.64
CA ILE A 36 -3.82 -7.62 8.68
C ILE A 36 -3.13 -6.71 7.69
N PHE A 37 -2.06 -7.15 7.05
CA PHE A 37 -1.46 -6.27 6.01
C PHE A 37 -2.50 -5.94 4.94
N LEU A 38 -3.39 -6.90 4.63
CA LEU A 38 -4.26 -6.67 3.47
C LEU A 38 -5.34 -5.68 3.84
N ARG A 39 -5.85 -5.79 5.06
CA ARG A 39 -6.81 -4.80 5.56
C ARG A 39 -6.22 -3.41 5.46
N GLU A 40 -4.95 -3.29 5.84
CA GLU A 40 -4.38 -1.96 5.88
C GLU A 40 -4.21 -1.39 4.49
N LEU A 41 -3.77 -2.21 3.53
CA LEU A 41 -3.57 -1.71 2.18
C LEU A 41 -4.92 -1.44 1.49
N ILE A 42 -5.94 -2.26 1.78
CA ILE A 42 -7.26 -1.97 1.23
C ILE A 42 -7.81 -0.69 1.81
N SER A 43 -7.61 -0.49 3.13
CA SER A 43 -8.07 0.74 3.72
C SER A 43 -7.38 1.94 3.08
N ASN A 44 -6.07 1.84 2.85
CA ASN A 44 -5.37 2.96 2.18
C ASN A 44 -5.95 3.21 0.80
N SER A 45 -6.27 2.14 0.06
CA SER A 45 -6.87 2.33 -1.27
C SER A 45 -8.22 3.02 -1.16
N SER A 46 -9.04 2.57 -0.19
CA SER A 46 -10.34 3.22 -0.01
C SER A 46 -10.18 4.71 0.29
N ASP A 47 -9.21 5.10 1.13
CA ASP A 47 -8.93 6.50 1.41
C ASP A 47 -8.54 7.27 0.15
N ALA A 48 -7.74 6.65 -0.73
CA ALA A 48 -7.29 7.32 -1.96
C ALA A 48 -8.44 7.49 -2.94
N LEU A 49 -9.30 6.46 -3.02
CA LEU A 49 -10.53 6.59 -3.81
C LEU A 49 -11.45 7.67 -3.27
N ASP A 50 -11.61 7.77 -1.94
CA ASP A 50 -12.43 8.85 -1.40
C ASP A 50 -11.89 10.21 -1.83
N LYS A 51 -10.56 10.37 -1.87
CA LYS A 51 -9.98 11.68 -2.19
C LYS A 51 -10.29 12.09 -3.62
N ILE A 52 -10.17 11.17 -4.58
CA ILE A 52 -10.46 11.58 -5.97
C ILE A 52 -11.96 11.73 -6.15
N ARG A 53 -12.75 10.94 -5.43
CA ARG A 53 -14.20 11.17 -5.52
C ARG A 53 -14.54 12.57 -5.04
N TYR A 54 -13.95 13.00 -3.92
CA TYR A 54 -14.28 14.32 -3.40
C TYR A 54 -13.86 15.39 -4.38
N GLU A 55 -12.67 15.24 -4.97
CA GLU A 55 -12.19 16.27 -5.91
C GLU A 55 -13.10 16.33 -7.14
N SER A 56 -13.65 15.18 -7.53
CA SER A 56 -14.51 15.16 -8.72
C SER A 56 -15.87 15.81 -8.46
N LEU A 57 -16.21 16.08 -7.21
CA LEU A 57 -17.55 16.63 -6.96
C LEU A 57 -17.67 18.05 -7.46
N THR A 58 -16.58 18.78 -7.46
CA THR A 58 -16.58 20.14 -7.96
C THR A 58 -15.83 20.30 -9.28
N ASP A 59 -15.12 19.27 -9.74
CA ASP A 59 -14.37 19.32 -10.99
C ASP A 59 -14.45 17.96 -11.66
N PRO A 60 -15.47 17.73 -12.50
CA PRO A 60 -15.62 16.40 -13.08
C PRO A 60 -14.45 15.99 -13.94
N SER A 61 -13.71 16.96 -14.51
CA SER A 61 -12.59 16.57 -15.36
C SER A 61 -11.51 15.82 -14.58
N LYS A 62 -11.55 15.81 -13.25
CA LYS A 62 -10.56 15.02 -12.53
C LYS A 62 -10.70 13.53 -12.79
N LEU A 63 -11.85 13.08 -13.34
CA LEU A 63 -12.04 11.68 -13.67
C LEU A 63 -11.79 11.41 -15.14
N ASP A 64 -11.22 12.37 -15.86
CA ASP A 64 -10.90 12.13 -17.28
C ASP A 64 -9.86 11.02 -17.42
N SER A 65 -9.01 10.86 -16.39
CA SER A 65 -8.02 9.80 -16.29
C SER A 65 -8.63 8.44 -15.90
N GLY A 66 -9.97 8.36 -15.78
CA GLY A 66 -10.62 7.10 -15.46
C GLY A 66 -11.82 7.30 -14.53
N LYS A 67 -13.02 6.93 -14.97
CA LYS A 67 -14.19 7.17 -14.15
C LYS A 67 -14.47 6.09 -13.13
N GLU A 68 -13.92 4.89 -13.28
CA GLU A 68 -14.28 3.79 -12.41
C GLU A 68 -13.44 3.84 -11.16
N LEU A 69 -14.08 3.69 -10.02
CA LEU A 69 -13.43 3.74 -8.71
C LEU A 69 -13.52 2.35 -8.10
N HIS A 70 -12.38 1.64 -8.04
CA HIS A 70 -12.40 0.24 -7.64
C HIS A 70 -11.04 -0.20 -7.14
N ILE A 71 -11.05 -1.41 -6.55
CA ILE A 71 -9.87 -2.06 -6.01
C ILE A 71 -9.78 -3.48 -6.61
N ASN A 72 -8.61 -3.83 -7.18
CA ASN A 72 -8.39 -5.17 -7.71
C ASN A 72 -7.30 -5.85 -6.90
N LEU A 73 -7.47 -7.14 -6.61
CA LEU A 73 -6.47 -7.95 -5.93
C LEU A 73 -5.98 -9.00 -6.92
N ILE A 74 -4.70 -8.96 -7.26
CA ILE A 74 -4.18 -9.78 -8.34
C ILE A 74 -3.04 -10.65 -7.81
N PRO A 75 -3.30 -11.90 -7.46
CA PRO A 75 -2.22 -12.84 -7.15
C PRO A 75 -1.56 -13.41 -8.39
N ASN A 76 -0.24 -13.62 -8.28
CA ASN A 76 0.52 -14.23 -9.35
C ASN A 76 1.47 -15.22 -8.70
N LYS A 77 1.16 -16.49 -8.82
CA LYS A 77 1.99 -17.50 -8.16
C LYS A 77 3.31 -17.71 -8.88
N GLN A 78 3.38 -17.45 -10.19
CA GLN A 78 4.63 -17.65 -10.90
C GLN A 78 5.66 -16.61 -10.50
N ASP A 79 5.23 -15.37 -10.32
CA ASP A 79 6.09 -14.27 -9.89
C ASP A 79 6.17 -14.18 -8.37
N ARG A 80 5.33 -14.93 -7.67
CA ARG A 80 5.15 -14.86 -6.21
C ARG A 80 4.88 -13.42 -5.76
N THR A 81 3.87 -12.79 -6.36
CA THR A 81 3.49 -11.43 -6.05
C THR A 81 1.99 -11.34 -5.81
N LEU A 82 1.60 -10.50 -4.86
CA LEU A 82 0.22 -10.09 -4.67
C LEU A 82 0.15 -8.59 -4.95
N THR A 83 -0.67 -8.18 -5.90
CA THR A 83 -0.74 -6.79 -6.30
C THR A 83 -2.09 -6.25 -5.86
N ILE A 84 -2.09 -5.08 -5.23
CA ILE A 84 -3.32 -4.38 -4.84
C ILE A 84 -3.40 -3.13 -5.71
N VAL A 85 -4.40 -3.06 -6.60
CA VAL A 85 -4.56 -1.97 -7.56
C VAL A 85 -5.72 -1.11 -7.15
N ASP A 86 -5.55 0.22 -7.12
CA ASP A 86 -6.77 1.03 -6.95
C ASP A 86 -6.72 2.18 -7.94
N THR A 87 -7.89 2.73 -8.27
CA THR A 87 -7.95 3.87 -9.16
C THR A 87 -8.23 5.14 -8.37
N GLY A 88 -7.55 5.31 -7.24
CA GLY A 88 -7.71 6.49 -6.42
C GLY A 88 -6.92 7.68 -6.92
N ILE A 89 -6.65 8.61 -5.99
CA ILE A 89 -6.04 9.88 -6.42
C ILE A 89 -4.59 9.71 -6.83
N GLY A 90 -3.92 8.60 -6.43
CA GLY A 90 -2.51 8.43 -6.80
C GLY A 90 -1.61 9.38 -6.00
N MET A 91 -0.35 9.33 -6.36
CA MET A 91 0.68 10.07 -5.61
C MET A 91 1.60 10.77 -6.60
N THR A 92 2.00 11.99 -6.28
CA THR A 92 3.05 12.67 -7.06
C THR A 92 4.44 12.15 -6.63
N LYS A 93 5.47 12.52 -7.39
CA LYS A 93 6.83 12.15 -7.03
C LYS A 93 7.16 12.66 -5.65
N ALA A 94 6.79 13.92 -5.39
CA ALA A 94 7.01 14.47 -4.05
C ALA A 94 6.30 13.66 -2.98
N ASP A 95 5.07 13.21 -3.23
CA ASP A 95 4.39 12.36 -2.24
C ASP A 95 5.17 11.07 -1.98
N LEU A 96 5.66 10.42 -3.06
CA LEU A 96 6.35 9.14 -2.88
C LEU A 96 7.54 9.33 -1.99
N ILE A 97 8.30 10.40 -2.22
CA ILE A 97 9.52 10.65 -1.43
C ILE A 97 9.17 10.96 0.01
N ASN A 98 8.08 11.70 0.23
CA ASN A 98 7.61 12.08 1.55
C ASN A 98 6.76 10.95 2.16
N ASN A 99 7.39 9.79 2.25
CA ASN A 99 6.79 8.62 2.89
C ASN A 99 5.43 8.27 2.34
N LEU A 100 5.36 8.20 1.00
CA LEU A 100 4.14 7.74 0.32
C LEU A 100 2.90 8.52 0.78
N GLY A 101 3.04 9.84 0.85
CA GLY A 101 1.93 10.72 1.16
C GLY A 101 1.45 10.69 2.60
N THR A 102 2.24 10.13 3.54
CA THR A 102 1.86 9.95 4.94
C THR A 102 2.64 10.90 5.83
N ILE A 103 2.13 11.08 7.05
CA ILE A 103 2.87 11.85 8.06
C ILE A 103 3.62 10.83 8.91
N ALA A 104 4.47 10.05 8.26
CA ALA A 104 5.00 8.86 8.91
C ALA A 104 5.84 9.17 10.15
N LYS A 105 6.54 10.30 10.21
CA LYS A 105 7.34 10.56 11.41
C LYS A 105 6.45 10.79 12.64
N SER A 106 5.49 11.70 12.55
CA SER A 106 4.62 11.94 13.69
C SER A 106 3.66 10.77 13.90
N GLY A 107 3.26 10.09 12.80
CA GLY A 107 2.43 8.90 12.95
C GLY A 107 3.14 7.79 13.71
N THR A 108 4.41 7.52 13.36
CA THR A 108 5.18 6.51 14.09
C THR A 108 5.32 6.87 15.55
N LYS A 109 5.57 8.14 15.83
CA LYS A 109 5.70 8.59 17.21
C LYS A 109 4.40 8.35 17.98
N ALA A 110 3.26 8.68 17.34
CA ALA A 110 1.99 8.47 18.05
C ALA A 110 1.69 6.99 18.24
N PHE A 111 2.02 6.15 17.25
CA PHE A 111 1.84 4.70 17.36
C PHE A 111 2.69 4.15 18.52
N MET A 112 3.97 4.55 18.58
CA MET A 112 4.82 4.04 19.67
C MET A 112 4.30 4.49 21.03
N GLU A 113 3.85 5.76 21.14
CA GLU A 113 3.27 6.23 22.41
C GLU A 113 2.01 5.43 22.75
N ALA A 114 1.19 5.14 21.74
CA ALA A 114 -0.02 4.35 22.00
C ALA A 114 0.34 2.96 22.51
N LEU A 115 1.35 2.32 21.90
CA LEU A 115 1.74 0.98 22.37
C LEU A 115 2.22 1.01 23.80
N GLN A 116 2.94 2.07 24.18
CA GLN A 116 3.29 2.23 25.59
C GLN A 116 2.07 2.37 26.48
N ALA A 117 1.01 3.02 26.01
CA ALA A 117 -0.23 3.19 26.78
C ALA A 117 -1.19 2.00 26.67
N GLY A 118 -0.80 0.91 26.03
CA GLY A 118 -1.66 -0.27 26.00
C GLY A 118 -2.38 -0.54 24.69
N ALA A 119 -2.07 0.19 23.62
CA ALA A 119 -2.71 -0.10 22.34
C ALA A 119 -2.16 -1.42 21.80
N ASP A 120 -2.88 -1.99 20.84
CA ASP A 120 -2.39 -3.20 20.15
C ASP A 120 -1.59 -2.85 18.89
N ILE A 121 -0.65 -3.73 18.53
CA ILE A 121 0.10 -3.62 17.28
C ILE A 121 -0.83 -3.57 16.08
N SER A 122 -1.92 -4.33 16.14
CA SER A 122 -2.84 -4.30 15.02
C SER A 122 -3.51 -2.94 14.78
N MET A 123 -3.43 -2.00 15.73
CA MET A 123 -3.95 -0.63 15.53
C MET A 123 -3.10 0.26 14.68
N ILE A 124 -2.07 -0.26 14.01
CA ILE A 124 -1.11 0.57 13.27
C ILE A 124 -1.84 1.53 12.31
N GLY A 125 -2.93 1.11 11.68
CA GLY A 125 -3.53 1.97 10.66
C GLY A 125 -4.19 3.23 11.22
N GLN A 126 -4.51 3.24 12.51
CA GLN A 126 -5.07 4.43 13.14
C GLN A 126 -4.05 5.54 13.25
N PHE A 127 -2.78 5.24 12.99
CA PHE A 127 -1.72 6.24 13.11
C PHE A 127 -1.13 6.60 11.76
N GLY A 128 -1.81 6.23 10.70
CA GLY A 128 -1.39 6.72 9.41
C GLY A 128 -0.24 6.00 8.75
N VAL A 129 0.28 4.91 9.33
CA VAL A 129 1.48 4.23 8.84
C VAL A 129 1.17 2.77 8.54
N GLY A 130 -0.11 2.50 8.25
CA GLY A 130 -0.50 1.14 7.92
C GLY A 130 0.18 0.54 6.70
N PHE A 131 0.59 1.39 5.75
CA PHE A 131 1.29 0.89 4.57
C PHE A 131 2.45 -0.04 4.95
N TYR A 132 3.20 0.31 5.99
CA TYR A 132 4.43 -0.42 6.27
C TYR A 132 4.15 -1.83 6.79
N SER A 133 2.90 -2.15 7.16
CA SER A 133 2.55 -3.51 7.49
C SER A 133 2.71 -4.45 6.30
N ALA A 134 2.86 -3.90 5.08
CA ALA A 134 3.23 -4.75 3.95
C ALA A 134 4.44 -5.63 4.26
N TYR A 135 5.37 -5.11 5.08
CA TYR A 135 6.60 -5.87 5.34
C TYR A 135 6.37 -7.01 6.35
N LEU A 136 5.14 -7.23 6.81
CA LEU A 136 4.83 -8.47 7.52
C LEU A 136 4.96 -9.65 6.58
N VAL A 137 4.69 -9.44 5.28
CA VAL A 137 4.62 -10.55 4.34
C VAL A 137 5.52 -10.40 3.15
N ALA A 138 6.03 -9.20 2.87
CA ALA A 138 6.78 -8.94 1.64
C ALA A 138 8.25 -8.73 1.94
N GLU A 139 9.09 -9.33 1.12
CA GLU A 139 10.53 -9.01 1.21
C GLU A 139 10.86 -7.74 0.43
N LYS A 140 10.04 -7.35 -0.53
CA LYS A 140 10.26 -6.17 -1.34
C LYS A 140 8.88 -5.65 -1.67
N VAL A 141 8.71 -4.34 -1.65
CA VAL A 141 7.45 -3.73 -2.09
C VAL A 141 7.78 -2.74 -3.22
N THR A 142 6.99 -2.79 -4.31
CA THR A 142 7.08 -1.86 -5.42
C THR A 142 5.74 -1.13 -5.50
N VAL A 143 5.77 0.20 -5.52
CA VAL A 143 4.57 1.03 -5.59
C VAL A 143 4.63 1.79 -6.91
N ILE A 144 3.68 1.53 -7.81
CA ILE A 144 3.60 2.26 -9.08
C ILE A 144 2.44 3.21 -8.94
N THR A 145 2.60 4.48 -9.33
CA THR A 145 1.53 5.44 -9.05
C THR A 145 1.47 6.50 -10.14
N LYS A 146 0.25 7.02 -10.36
CA LYS A 146 -0.02 8.09 -11.32
C LYS A 146 -1.04 9.03 -10.70
N HIS A 147 -0.65 10.28 -10.50
CA HIS A 147 -1.51 11.34 -10.00
C HIS A 147 -1.79 12.28 -11.16
N ASN A 148 -3.00 12.86 -11.21
CA ASN A 148 -3.34 13.70 -12.35
C ASN A 148 -2.29 14.79 -12.60
N ASP A 149 -1.63 15.28 -11.55
CA ASP A 149 -0.71 16.41 -11.65
C ASP A 149 0.74 16.01 -11.89
N ASP A 150 1.03 14.73 -12.16
CA ASP A 150 2.44 14.31 -12.29
C ASP A 150 2.53 13.12 -13.25
N GLU A 151 3.74 12.64 -13.47
CA GLU A 151 4.00 11.54 -14.38
C GLU A 151 3.91 10.24 -13.57
N GLN A 152 4.05 9.11 -14.26
CA GLN A 152 3.94 7.81 -13.61
C GLN A 152 5.30 7.44 -13.02
N TYR A 153 5.31 7.05 -11.76
CA TYR A 153 6.56 6.79 -11.03
C TYR A 153 6.49 5.42 -10.36
N ALA A 154 7.66 4.85 -10.09
CA ALA A 154 7.81 3.61 -9.33
C ALA A 154 8.66 3.89 -8.11
N TRP A 155 8.13 3.56 -6.95
CA TRP A 155 8.87 3.51 -5.69
C TRP A 155 9.19 2.05 -5.36
N GLU A 156 10.33 1.80 -4.74
CA GLU A 156 10.62 0.43 -4.37
C GLU A 156 11.49 0.38 -3.12
N SER A 157 11.22 -0.61 -2.26
CA SER A 157 12.14 -0.82 -1.14
C SER A 157 12.14 -2.26 -0.68
N SER A 158 13.32 -2.76 -0.34
CA SER A 158 13.47 -4.02 0.36
C SER A 158 13.86 -3.78 1.81
N ALA A 159 13.46 -2.63 2.36
CA ALA A 159 13.84 -2.13 3.71
C ALA A 159 15.37 -2.01 3.74
N GLY A 160 16.03 -2.32 4.84
CA GLY A 160 17.46 -2.04 4.84
C GLY A 160 17.82 -0.57 4.85
N GLY A 161 16.88 0.32 5.11
CA GLY A 161 17.22 1.72 5.28
C GLY A 161 17.10 2.59 4.04
N SER A 162 16.75 2.03 2.88
CA SER A 162 16.71 2.87 1.68
C SER A 162 15.56 2.48 0.78
N PHE A 163 15.18 3.43 -0.07
CA PHE A 163 14.15 3.21 -1.09
C PHE A 163 14.61 3.90 -2.36
N THR A 164 14.02 3.49 -3.49
CA THR A 164 14.36 4.10 -4.76
C THR A 164 13.10 4.66 -5.40
N VAL A 165 13.31 5.70 -6.21
CA VAL A 165 12.23 6.27 -7.02
C VAL A 165 12.75 6.44 -8.44
N ARG A 166 11.95 6.02 -9.43
CA ARG A 166 12.31 6.19 -10.83
C ARG A 166 11.05 6.46 -11.65
N THR A 167 11.22 7.11 -12.80
CA THR A 167 10.11 7.15 -13.76
C THR A 167 9.74 5.74 -14.19
N ASP A 168 8.44 5.47 -14.33
CA ASP A 168 8.00 4.15 -14.71
C ASP A 168 7.66 4.14 -16.19
N THR A 169 8.38 3.33 -16.96
CA THR A 169 8.17 3.07 -18.38
C THR A 169 7.17 1.94 -18.63
N GLY A 170 6.72 1.27 -17.59
CA GLY A 170 5.76 0.19 -17.69
C GLY A 170 4.41 0.57 -18.27
N GLU A 171 3.49 -0.36 -18.21
CA GLU A 171 2.12 -0.17 -18.66
C GLU A 171 1.51 1.09 -18.06
N PRO A 172 1.13 2.09 -18.86
CA PRO A 172 0.50 3.30 -18.29
C PRO A 172 -0.77 2.95 -17.52
N MET A 173 -1.00 3.64 -16.39
CA MET A 173 -2.07 3.26 -15.47
C MET A 173 -3.31 4.15 -15.54
N GLY A 174 -3.21 5.35 -16.04
CA GLY A 174 -4.37 6.21 -16.07
C GLY A 174 -4.39 7.11 -14.84
N ARG A 175 -4.70 6.52 -13.69
CA ARG A 175 -4.65 7.23 -12.42
C ARG A 175 -4.78 6.19 -11.30
N GLY A 176 -4.00 6.35 -10.22
CA GLY A 176 -4.16 5.48 -9.08
C GLY A 176 -2.84 4.91 -8.62
N THR A 177 -2.91 3.82 -7.87
CA THR A 177 -1.74 3.24 -7.26
C THR A 177 -1.78 1.73 -7.35
N LYS A 178 -0.62 1.14 -7.58
CA LYS A 178 -0.49 -0.31 -7.58
C LYS A 178 0.57 -0.69 -6.58
N VAL A 179 0.22 -1.47 -5.55
CA VAL A 179 1.19 -1.93 -4.56
C VAL A 179 1.48 -3.37 -4.88
N ILE A 180 2.73 -3.66 -5.21
CA ILE A 180 3.18 -4.99 -5.65
C ILE A 180 3.97 -5.58 -4.50
N LEU A 181 3.41 -6.61 -3.87
CA LEU A 181 4.05 -7.27 -2.73
C LEU A 181 4.82 -8.48 -3.26
N HIS A 182 6.17 -8.44 -3.17
CA HIS A 182 7.02 -9.59 -3.52
C HIS A 182 7.12 -10.43 -2.26
N LEU A 183 6.34 -11.49 -2.20
CA LEU A 183 6.10 -12.19 -0.93
C LEU A 183 7.30 -12.99 -0.48
N LYS A 184 7.47 -13.08 0.83
CA LYS A 184 8.49 -13.95 1.42
C LYS A 184 8.14 -15.40 1.11
N GLU A 185 9.19 -16.25 1.04
CA GLU A 185 9.01 -17.65 0.67
C GLU A 185 7.97 -18.37 1.51
N ASP A 186 7.87 -18.05 2.79
CA ASP A 186 6.95 -18.78 3.66
C ASP A 186 5.59 -18.10 3.81
N GLN A 187 5.28 -17.10 2.98
CA GLN A 187 4.04 -16.36 3.08
C GLN A 187 3.21 -16.53 1.81
N THR A 188 3.39 -17.64 1.09
CA THR A 188 2.63 -17.81 -0.15
C THR A 188 1.18 -18.22 0.05
N GLU A 189 0.74 -18.48 1.29
CA GLU A 189 -0.71 -18.64 1.54
C GLU A 189 -1.51 -17.43 1.05
N TYR A 190 -0.93 -16.24 1.03
CA TYR A 190 -1.68 -15.06 0.61
C TYR A 190 -1.80 -14.94 -0.91
N LEU A 191 -1.36 -15.94 -1.67
CA LEU A 191 -1.69 -16.02 -3.09
C LEU A 191 -2.86 -16.97 -3.36
N GLU A 192 -3.34 -17.66 -2.35
CA GLU A 192 -4.41 -18.65 -2.52
C GLU A 192 -5.77 -17.97 -2.47
N GLU A 193 -6.61 -18.28 -3.46
CA GLU A 193 -7.91 -17.60 -3.55
C GLU A 193 -8.70 -17.72 -2.23
N ARG A 194 -8.79 -18.93 -1.68
CA ARG A 194 -9.65 -19.10 -0.51
C ARG A 194 -9.12 -18.33 0.69
N ARG A 195 -7.79 -18.20 0.81
CA ARG A 195 -7.23 -17.42 1.91
C ARG A 195 -7.49 -15.94 1.72
N ILE A 196 -7.26 -15.42 0.49
CA ILE A 196 -7.55 -14.00 0.27
C ILE A 196 -9.02 -13.69 0.51
N LYS A 197 -9.92 -14.54 0.00
CA LYS A 197 -11.36 -14.31 0.20
C LYS A 197 -11.69 -14.24 1.67
N GLU A 198 -11.12 -15.18 2.45
CA GLU A 198 -11.37 -15.22 3.89
C GLU A 198 -10.94 -13.92 4.59
N ILE A 199 -9.76 -13.40 4.22
CA ILE A 199 -9.26 -12.20 4.89
C ILE A 199 -10.08 -10.97 4.49
N VAL A 200 -10.48 -10.87 3.20
CA VAL A 200 -11.32 -9.74 2.80
C VAL A 200 -12.66 -9.78 3.55
N LYS A 201 -13.26 -10.97 3.65
CA LYS A 201 -14.53 -11.04 4.36
C LYS A 201 -14.40 -10.74 5.85
N LYS A 202 -13.26 -11.12 6.45
CA LYS A 202 -13.09 -10.87 7.88
C LYS A 202 -12.84 -9.40 8.22
N HIS A 203 -12.02 -8.72 7.41
CA HIS A 203 -11.48 -7.43 7.78
C HIS A 203 -11.92 -6.28 6.90
N SER A 204 -12.49 -6.55 5.71
CA SER A 204 -12.69 -5.53 4.72
C SER A 204 -14.06 -5.69 4.08
N GLN A 205 -14.99 -6.28 4.86
CA GLN A 205 -16.26 -6.69 4.21
C GLN A 205 -17.17 -5.51 3.92
N PHE A 206 -16.94 -4.34 4.52
CA PHE A 206 -17.83 -3.21 4.32
C PHE A 206 -17.21 -2.08 3.50
N ILE A 207 -16.04 -2.28 2.90
CA ILE A 207 -15.41 -1.23 2.09
C ILE A 207 -16.37 -0.77 1.02
N GLY A 208 -16.46 0.54 0.82
CA GLY A 208 -17.45 1.10 -0.10
C GLY A 208 -17.05 1.21 -1.55
N TYR A 209 -16.15 0.36 -2.00
CA TYR A 209 -15.75 0.29 -3.41
C TYR A 209 -15.69 -1.18 -3.75
N PRO A 210 -15.97 -1.56 -4.99
CA PRO A 210 -15.90 -2.98 -5.35
C PRO A 210 -14.46 -3.52 -5.29
N ILE A 211 -14.30 -4.68 -4.64
CA ILE A 211 -13.02 -5.36 -4.52
C ILE A 211 -13.11 -6.63 -5.35
N THR A 212 -12.32 -6.70 -6.43
CA THR A 212 -12.38 -7.85 -7.32
C THR A 212 -11.13 -8.68 -7.10
N LEU A 213 -11.31 -9.95 -6.69
CA LEU A 213 -10.19 -10.87 -6.58
C LEU A 213 -10.05 -11.61 -7.90
N PHE A 214 -8.93 -11.39 -8.58
CA PHE A 214 -8.64 -12.06 -9.84
C PHE A 214 -8.27 -13.50 -9.59
N VAL A 215 -8.60 -14.37 -10.53
CA VAL A 215 -8.16 -15.76 -10.45
C VAL A 215 -7.07 -16.02 -11.47
N GLU A 216 -6.41 -17.14 -11.30
CA GLU A 216 -5.28 -17.50 -12.15
C GLU A 216 -5.57 -18.76 -12.95
N LYS A 217 -5.01 -18.80 -14.18
CA LYS A 217 -5.06 -19.97 -15.05
C LYS A 217 -4.72 -21.26 -14.29
C1 A1AW4 B . 3.81 -3.62 13.60
C2 A1AW4 B . 5.35 -3.55 15.52
C3 A1AW4 B . 6.08 -4.39 16.36
C4 A1AW4 B . 6.71 -3.84 17.45
C5 A1AW4 B . 5.98 -1.74 16.92
C6 A1AW4 B . 5.29 -2.19 15.83
C7 A1AW4 B . 3.16 -4.59 12.69
C8 A1AW4 B . 1.70 -4.35 12.41
C9 A1AW4 B . 2.69 -4.00 11.39
N1 A1AW4 B . 4.72 -4.19 14.42
N2 A1AW4 B . 6.67 -2.54 17.75
O1 A1AW4 B . 3.55 -2.42 13.61
#